data_6L98
#
_entry.id   6L98
#
_cell.length_a   61.379
_cell.length_b   71.794
_cell.length_c   98.455
_cell.angle_alpha   90.000
_cell.angle_beta   90.000
_cell.angle_gamma   90.000
#
_symmetry.space_group_name_H-M   'P 21 21 21'
#
loop_
_entity.id
_entity.type
_entity.pdbx_description
1 polymer 'Bence-Jones protein lambda light chain AK'
2 water water
#
_entity_poly.entity_id   1
_entity_poly.type   'polypeptide(L)'
_entity_poly.pdbx_seq_one_letter_code
;YVLTQPPSVSVAPGKTARIACEGNNIGSKSVHWYQQKPGQAPVLVVYDDSDRPSGIPDRFSGSNSGNTAALTISRVEAGD
EADYFCQVWDSNSNHQVFGGGTKVTVLGQPKAAPSVTLFPPSSEELQANKATLVCLISDFYPGAVTVAWKADSSPVKAGV
ETTTPSKQSNNKYAASSYLSLTPEQWKSHKSYSCQVTHEGSTVEKTVAPTECS
;
_entity_poly.pdbx_strand_id   A,B
#
# COMPACT_ATOMS: atom_id res chain seq x y z
N TYR A 1 -12.97 3.75 29.19
CA TYR A 1 -14.03 3.05 28.48
C TYR A 1 -13.41 2.02 27.52
N VAL A 2 -14.01 0.83 27.44
CA VAL A 2 -13.45 -0.26 26.65
C VAL A 2 -14.47 -0.70 25.61
N LEU A 3 -14.02 -0.82 24.37
CA LEU A 3 -14.81 -1.37 23.27
C LEU A 3 -14.22 -2.71 22.87
N THR A 4 -15.07 -3.71 22.70
CA THR A 4 -14.62 -5.08 22.47
C THR A 4 -15.20 -5.61 21.17
N GLN A 5 -14.32 -5.90 20.18
CA GLN A 5 -14.80 -6.54 18.98
C GLN A 5 -14.23 -7.95 18.87
N PRO A 6 -14.94 -8.86 18.22
CA PRO A 6 -14.32 -10.13 17.85
C PRO A 6 -13.08 -9.86 17.03
N PRO A 7 -11.98 -10.59 17.27
CA PRO A 7 -10.80 -10.39 16.43
C PRO A 7 -11.05 -10.73 14.97
N SER A 8 -11.98 -11.64 14.69
CA SER A 8 -12.06 -12.30 13.39
C SER A 8 -13.51 -12.63 13.05
N VAL A 9 -13.92 -12.30 11.82
CA VAL A 9 -15.21 -12.69 11.29
C VAL A 9 -15.00 -13.24 9.88
N SER A 10 -15.57 -14.41 9.61
CA SER A 10 -15.45 -15.04 8.30
C SER A 10 -16.82 -15.04 7.64
N VAL A 11 -16.82 -14.81 6.32
CA VAL A 11 -18.07 -14.69 5.58
C VAL A 11 -17.83 -15.15 4.15
N ALA A 12 -18.83 -15.82 3.57
CA ALA A 12 -18.66 -16.21 2.17
C ALA A 12 -19.18 -15.10 1.27
N PRO A 13 -18.65 -14.99 0.04
CA PRO A 13 -19.07 -13.88 -0.82
C PRO A 13 -20.57 -13.90 -1.05
N GLY A 14 -21.15 -12.72 -1.12
CA GLY A 14 -22.58 -12.57 -1.32
C GLY A 14 -23.41 -12.73 -0.06
N LYS A 15 -22.87 -13.35 0.98
CA LYS A 15 -23.57 -13.48 2.26
C LYS A 15 -23.40 -12.20 3.07
N THR A 16 -23.85 -12.22 4.32
CA THR A 16 -23.85 -11.03 5.16
C THR A 16 -22.91 -11.22 6.34
N ALA A 17 -22.06 -10.22 6.57
CA ALA A 17 -21.11 -10.22 7.68
C ALA A 17 -21.58 -9.27 8.77
N ARG A 18 -21.46 -9.71 10.02
CA ARG A 18 -21.84 -8.91 11.17
C ARG A 18 -20.64 -8.74 12.10
N ILE A 19 -20.33 -7.48 12.42
CA ILE A 19 -19.19 -7.10 13.24
C ILE A 19 -19.73 -6.45 14.50
N ALA A 20 -19.70 -7.17 15.61
CA ALA A 20 -20.16 -6.64 16.88
C ALA A 20 -19.11 -5.70 17.49
N CYS A 21 -19.60 -4.68 18.20
CA CYS A 21 -18.79 -3.74 18.95
C CYS A 21 -19.43 -3.58 20.33
N GLU A 22 -18.92 -4.32 21.34
CA GLU A 22 -19.57 -4.33 22.65
C GLU A 22 -18.94 -3.31 23.59
N GLY A 23 -19.80 -2.60 24.31
CA GLY A 23 -19.35 -1.69 25.35
C GLY A 23 -20.47 -1.43 26.32
N ASN A 24 -20.11 -1.11 27.57
CA ASN A 24 -21.12 -0.86 28.59
C ASN A 24 -21.97 0.36 28.21
N ASN A 25 -23.28 0.13 28.01
CA ASN A 25 -24.22 1.17 27.55
C ASN A 25 -23.65 1.96 26.36
N ILE A 26 -23.08 1.22 25.39
CA ILE A 26 -22.62 1.83 24.15
C ILE A 26 -23.77 2.47 23.39
N GLY A 27 -25.00 1.97 23.60
CA GLY A 27 -26.18 2.53 22.96
C GLY A 27 -26.41 4.00 23.24
N SER A 28 -25.85 4.51 24.35
CA SER A 28 -25.94 5.93 24.67
C SER A 28 -24.93 6.75 23.88
N LYS A 29 -23.88 6.13 23.36
CA LYS A 29 -22.84 6.82 22.63
C LYS A 29 -23.09 6.76 21.12
N SER A 30 -22.29 7.51 20.37
CA SER A 30 -22.41 7.59 18.91
C SER A 30 -21.25 6.81 18.28
N VAL A 31 -21.58 5.79 17.50
CA VAL A 31 -20.59 4.83 17.00
C VAL A 31 -20.15 5.21 15.59
N HIS A 32 -18.85 5.15 15.36
CA HIS A 32 -18.25 5.33 14.03
C HIS A 32 -17.52 4.05 13.65
N TRP A 33 -17.54 3.73 12.35
CA TRP A 33 -16.93 2.52 11.84
C TRP A 33 -15.94 2.84 10.74
N TYR A 34 -14.77 2.19 10.78
CA TYR A 34 -13.68 2.42 9.85
C TYR A 34 -13.28 1.12 9.18
N GLN A 35 -13.01 1.22 7.89
CA GLN A 35 -12.45 0.14 7.10
C GLN A 35 -11.00 0.50 6.79
N GLN A 36 -10.07 -0.42 7.06
CA GLN A 36 -8.67 -0.13 6.78
C GLN A 36 -8.01 -1.33 6.12
N LYS A 37 -7.37 -1.09 4.92
CA LYS A 37 -6.66 -2.12 4.18
C LYS A 37 -5.16 -1.95 4.40
N PRO A 38 -4.36 -3.01 4.31
CA PRO A 38 -2.95 -2.90 4.72
C PRO A 38 -2.23 -1.84 3.89
N GLY A 39 -1.47 -0.99 4.59
CA GLY A 39 -0.75 0.08 3.95
C GLY A 39 -1.55 1.34 3.69
N GLN A 40 -2.85 1.35 3.99
CA GLN A 40 -3.68 2.51 3.75
C GLN A 40 -4.22 3.07 5.06
N ALA A 41 -4.70 4.31 4.99
CA ALA A 41 -5.33 4.97 6.11
C ALA A 41 -6.73 4.40 6.34
N PRO A 42 -7.31 4.61 7.52
CA PRO A 42 -8.69 4.14 7.75
C PRO A 42 -9.67 4.95 6.94
N VAL A 43 -10.63 4.25 6.31
CA VAL A 43 -11.71 4.88 5.56
C VAL A 43 -12.99 4.75 6.37
N LEU A 44 -13.71 5.86 6.53
CA LEU A 44 -14.97 5.88 7.27
C LEU A 44 -16.11 5.30 6.43
N VAL A 45 -16.85 4.34 6.99
CA VAL A 45 -17.90 3.64 6.27
C VAL A 45 -19.28 3.92 6.87
N VAL A 46 -19.38 4.00 8.19
CA VAL A 46 -20.64 4.32 8.87
C VAL A 46 -20.30 5.29 9.99
N TYR A 47 -21.18 6.27 10.21
CA TYR A 47 -21.03 7.18 11.34
C TYR A 47 -22.40 7.48 11.94
N ASP A 48 -22.38 8.00 13.17
CA ASP A 48 -23.59 8.29 13.94
C ASP A 48 -24.52 7.07 13.96
N ASP A 49 -23.95 5.92 14.33
CA ASP A 49 -24.64 4.64 14.50
C ASP A 49 -25.02 3.99 13.17
N SER A 50 -25.59 4.76 12.23
CA SER A 50 -26.19 4.16 11.05
C SER A 50 -26.15 5.05 9.81
N ASP A 51 -25.48 6.20 9.82
CA ASP A 51 -25.36 7.04 8.64
C ASP A 51 -24.13 6.67 7.82
N ARG A 52 -24.26 6.74 6.48
CA ARG A 52 -23.17 6.47 5.57
C ARG A 52 -22.64 7.77 4.97
N PRO A 53 -21.33 7.93 4.86
CA PRO A 53 -20.79 9.06 4.12
C PRO A 53 -20.93 8.84 2.62
N SER A 54 -20.60 9.88 1.86
CA SER A 54 -20.81 9.85 0.42
C SER A 54 -19.84 8.87 -0.24
N GLY A 55 -20.38 8.05 -1.16
CA GLY A 55 -19.58 7.09 -1.87
C GLY A 55 -19.58 5.70 -1.26
N ILE A 56 -20.17 5.54 -0.09
CA ILE A 56 -20.22 4.25 0.59
C ILE A 56 -21.51 3.54 0.18
N PRO A 57 -21.45 2.35 -0.40
CA PRO A 57 -22.68 1.68 -0.82
C PRO A 57 -23.62 1.40 0.35
N ASP A 58 -24.94 1.48 0.09
CA ASP A 58 -25.84 1.29 1.22
C ASP A 58 -25.94 -0.21 1.69
N ARG A 59 -25.16 -1.16 1.17
CA ARG A 59 -25.07 -2.48 1.80
C ARG A 59 -24.27 -2.45 3.10
N PHE A 60 -23.63 -1.34 3.39
CA PHE A 60 -23.03 -1.08 4.69
C PHE A 60 -24.09 -0.40 5.56
N SER A 61 -24.43 -1.01 6.69
CA SER A 61 -25.33 -0.35 7.64
C SER A 61 -24.89 -0.68 9.06
N GLY A 62 -25.30 0.18 9.99
CA GLY A 62 -24.98 -0.01 11.39
C GLY A 62 -26.21 0.07 12.26
N SER A 63 -26.06 -0.47 13.48
CA SER A 63 -27.10 -0.39 14.50
C SER A 63 -26.42 -0.23 15.85
N ASN A 64 -27.13 0.35 16.80
CA ASN A 64 -26.55 0.61 18.12
C ASN A 64 -27.64 0.76 19.16
N SER A 65 -27.60 -0.09 20.19
CA SER A 65 -28.45 0.04 21.37
C SER A 65 -27.97 -0.93 22.44
N GLY A 66 -28.28 -0.61 23.70
CA GLY A 66 -27.89 -1.48 24.80
C GLY A 66 -26.39 -1.49 24.96
N ASN A 67 -25.83 -2.70 25.10
CA ASN A 67 -24.40 -2.90 25.22
C ASN A 67 -23.74 -3.35 23.91
N THR A 68 -24.44 -3.24 22.78
CA THR A 68 -23.92 -3.80 21.54
C THR A 68 -24.26 -2.92 20.35
N ALA A 69 -23.23 -2.56 19.58
CA ALA A 69 -23.40 -1.99 18.24
C ALA A 69 -22.88 -2.97 17.22
N ALA A 70 -23.35 -2.83 15.99
CA ALA A 70 -22.93 -3.79 14.99
C ALA A 70 -22.82 -3.10 13.64
N LEU A 71 -21.76 -3.43 12.92
CA LEU A 71 -21.65 -3.15 11.50
C LEU A 71 -22.13 -4.37 10.75
N THR A 72 -23.10 -4.18 9.87
CA THR A 72 -23.58 -5.24 9.01
C THR A 72 -23.17 -4.93 7.58
N ILE A 73 -22.55 -5.89 6.91
CA ILE A 73 -22.17 -5.72 5.51
C ILE A 73 -22.96 -6.75 4.71
N SER A 74 -23.96 -6.28 3.97
CA SER A 74 -24.74 -7.17 3.12
C SER A 74 -24.04 -7.38 1.77
N ARG A 75 -24.33 -8.52 1.16
CA ARG A 75 -23.79 -8.86 -0.17
C ARG A 75 -22.28 -8.63 -0.24
N VAL A 76 -21.57 -9.35 0.63
CA VAL A 76 -20.14 -9.13 0.82
C VAL A 76 -19.38 -9.42 -0.46
N GLU A 77 -18.40 -8.57 -0.77
CA GLU A 77 -17.54 -8.72 -1.93
C GLU A 77 -16.10 -8.89 -1.47
N ALA A 78 -15.25 -9.43 -2.35
CA ALA A 78 -13.84 -9.57 -2.03
C ALA A 78 -13.25 -8.24 -1.54
N GLY A 79 -13.70 -7.12 -2.11
CA GLY A 79 -13.21 -5.82 -1.74
C GLY A 79 -13.50 -5.39 -0.33
N ASP A 80 -14.39 -6.10 0.37
CA ASP A 80 -14.69 -5.81 1.75
C ASP A 80 -13.72 -6.47 2.74
N GLU A 81 -12.88 -7.39 2.27
CA GLU A 81 -11.85 -7.97 3.14
C GLU A 81 -10.96 -6.87 3.69
N ALA A 82 -10.99 -6.64 5.00
CA ALA A 82 -10.26 -5.52 5.61
C ALA A 82 -10.40 -5.61 7.12
N ASP A 83 -9.70 -4.71 7.81
CA ASP A 83 -9.90 -4.48 9.24
C ASP A 83 -10.96 -3.43 9.46
N TYR A 84 -11.87 -3.69 10.39
CA TYR A 84 -12.92 -2.76 10.75
C TYR A 84 -12.79 -2.42 12.23
N PHE A 85 -12.79 -1.12 12.53
CA PHE A 85 -12.64 -0.62 13.88
C PHE A 85 -13.87 0.22 14.21
N CYS A 86 -14.45 -0.02 15.39
CA CYS A 86 -15.46 0.89 15.89
C CYS A 86 -14.80 1.93 16.80
N GLN A 87 -15.30 3.15 16.73
CA GLN A 87 -14.76 4.27 17.48
C GLN A 87 -15.91 5.02 18.13
N VAL A 88 -15.73 5.43 19.38
CA VAL A 88 -16.67 6.34 20.03
C VAL A 88 -15.89 7.40 20.78
N TRP A 89 -16.57 8.53 20.98
CA TRP A 89 -16.10 9.57 21.89
C TRP A 89 -16.52 9.23 23.31
N ASP A 90 -15.60 9.43 24.26
CA ASP A 90 -15.81 9.16 25.68
C ASP A 90 -15.69 10.48 26.43
N SER A 91 -16.83 10.98 26.95
CA SER A 91 -16.83 12.27 27.62
C SER A 91 -15.93 12.28 28.84
N ASN A 92 -15.94 11.18 29.60
CA ASN A 92 -15.14 11.11 30.83
C ASN A 92 -13.66 11.33 30.54
N SER A 93 -13.11 10.56 29.58
CA SER A 93 -11.70 10.70 29.24
C SER A 93 -11.43 11.87 28.30
N ASN A 94 -12.46 12.40 27.62
CA ASN A 94 -12.35 13.60 26.78
C ASN A 94 -11.55 13.33 25.48
N HIS A 95 -11.71 12.13 24.91
CA HIS A 95 -11.11 11.81 23.62
C HIS A 95 -11.68 10.49 23.11
N GLN A 96 -11.25 10.11 21.91
CA GLN A 96 -11.82 8.96 21.22
C GLN A 96 -11.30 7.65 21.81
N VAL A 97 -12.10 6.60 21.66
CA VAL A 97 -11.73 5.25 22.06
C VAL A 97 -12.02 4.30 20.90
N PHE A 98 -11.01 3.50 20.51
CA PHE A 98 -11.08 2.54 19.42
C PHE A 98 -11.29 1.13 19.95
N GLY A 99 -12.07 0.33 19.24
CA GLY A 99 -11.99 -1.10 19.40
C GLY A 99 -10.64 -1.63 18.94
N GLY A 100 -10.40 -2.90 19.25
CA GLY A 100 -9.19 -3.53 18.79
C GLY A 100 -9.26 -4.03 17.37
N GLY A 101 -10.41 -3.87 16.72
CA GLY A 101 -10.58 -4.19 15.32
C GLY A 101 -11.00 -5.64 15.08
N THR A 102 -11.75 -5.82 13.98
CA THR A 102 -12.13 -7.14 13.49
C THR A 102 -11.58 -7.31 12.08
N LYS A 103 -10.82 -8.38 11.87
CA LYS A 103 -10.38 -8.71 10.52
C LYS A 103 -11.46 -9.54 9.84
N VAL A 104 -12.05 -8.99 8.78
CA VAL A 104 -13.08 -9.69 8.03
C VAL A 104 -12.43 -10.45 6.89
N THR A 105 -12.54 -11.76 6.91
CA THR A 105 -12.07 -12.64 5.84
C THR A 105 -13.24 -13.07 4.98
N VAL A 106 -13.09 -12.94 3.68
CA VAL A 106 -14.08 -13.40 2.71
C VAL A 106 -13.62 -14.79 2.25
N LEU A 107 -14.28 -15.83 2.77
CA LEU A 107 -13.86 -17.20 2.52
C LEU A 107 -14.20 -17.65 1.10
N GLY A 108 -13.30 -18.41 0.50
CA GLY A 108 -13.63 -19.06 -0.76
C GLY A 108 -13.76 -18.14 -1.96
N GLN A 109 -12.89 -17.13 -2.06
CA GLN A 109 -12.85 -16.38 -3.30
C GLN A 109 -12.28 -17.28 -4.40
N PRO A 110 -12.66 -17.04 -5.66
CA PRO A 110 -12.19 -17.90 -6.74
C PRO A 110 -10.67 -17.92 -6.84
N LYS A 111 -10.10 -19.11 -6.88
CA LYS A 111 -8.70 -19.25 -7.24
C LYS A 111 -8.47 -18.74 -8.66
N ALA A 112 -7.29 -18.17 -8.90
CA ALA A 112 -6.95 -17.64 -10.21
C ALA A 112 -5.46 -17.84 -10.45
N ALA A 113 -5.12 -18.52 -11.54
CA ALA A 113 -3.72 -18.78 -11.87
C ALA A 113 -3.06 -17.48 -12.33
N PRO A 114 -1.79 -17.26 -12.00
CA PRO A 114 -1.14 -16.01 -12.37
C PRO A 114 -0.96 -15.87 -13.87
N SER A 115 -1.03 -14.62 -14.34
CA SER A 115 -0.49 -14.24 -15.64
C SER A 115 1.00 -13.95 -15.48
N VAL A 116 1.83 -14.51 -16.36
CA VAL A 116 3.28 -14.36 -16.26
C VAL A 116 3.77 -13.63 -17.50
N THR A 117 4.46 -12.51 -17.29
CA THR A 117 4.98 -11.71 -18.39
C THR A 117 6.46 -11.49 -18.14
N LEU A 118 7.30 -12.00 -19.03
CA LEU A 118 8.75 -11.98 -18.86
C LEU A 118 9.32 -10.94 -19.81
N PHE A 119 10.10 -9.95 -19.23
CA PHE A 119 10.68 -8.87 -20.02
C PHE A 119 12.18 -9.06 -20.15
N PRO A 120 12.72 -8.87 -21.34
CA PRO A 120 14.18 -8.87 -21.53
C PRO A 120 14.77 -7.55 -21.06
N PRO A 121 16.10 -7.45 -20.92
CA PRO A 121 16.69 -6.16 -20.51
C PRO A 121 16.35 -5.06 -21.51
N SER A 122 16.14 -3.84 -21.01
CA SER A 122 15.76 -2.76 -21.92
C SER A 122 16.97 -2.28 -22.73
N SER A 123 16.67 -1.58 -23.81
CA SER A 123 17.75 -1.02 -24.63
C SER A 123 18.53 0.02 -23.85
N GLU A 124 17.84 0.92 -23.14
CA GLU A 124 18.50 1.92 -22.31
C GLU A 124 19.40 1.25 -21.28
N GLU A 125 19.03 0.05 -20.82
CA GLU A 125 19.83 -0.66 -19.84
C GLU A 125 21.10 -1.23 -20.46
N LEU A 126 20.97 -1.89 -21.62
CA LEU A 126 22.16 -2.51 -22.20
C LEU A 126 23.16 -1.44 -22.68
N GLN A 127 22.66 -0.30 -23.16
CA GLN A 127 23.55 0.79 -23.55
C GLN A 127 24.19 1.46 -22.35
N ALA A 128 23.73 1.15 -21.14
CA ALA A 128 24.36 1.60 -19.92
C ALA A 128 25.22 0.52 -19.28
N ASN A 129 25.45 -0.59 -19.99
CA ASN A 129 26.26 -1.70 -19.51
C ASN A 129 25.64 -2.37 -18.27
N LYS A 130 24.31 -2.48 -18.27
CA LYS A 130 23.59 -3.20 -17.23
C LYS A 130 22.58 -4.11 -17.90
N ALA A 131 22.05 -5.05 -17.14
CA ALA A 131 20.98 -5.87 -17.67
C ALA A 131 20.19 -6.48 -16.53
N THR A 132 18.86 -6.39 -16.64
CA THR A 132 17.94 -6.94 -15.65
C THR A 132 16.80 -7.58 -16.41
N LEU A 133 16.43 -8.79 -16.03
CA LEU A 133 15.22 -9.46 -16.47
C LEU A 133 14.17 -9.29 -15.40
N VAL A 134 12.91 -9.04 -15.79
CA VAL A 134 11.84 -8.96 -14.81
C VAL A 134 10.70 -9.91 -15.24
N CYS A 135 10.23 -10.66 -14.28
CA CYS A 135 9.14 -11.62 -14.44
C CYS A 135 7.96 -11.07 -13.65
N LEU A 136 7.00 -10.48 -14.36
CA LEU A 136 5.83 -9.86 -13.73
C LEU A 136 4.76 -10.94 -13.54
N ILE A 137 4.26 -11.06 -12.32
CA ILE A 137 3.32 -12.11 -11.95
C ILE A 137 2.06 -11.43 -11.44
N SER A 138 0.93 -11.59 -12.12
CA SER A 138 -0.21 -10.75 -11.77
C SER A 138 -1.49 -11.58 -11.78
N ASP A 139 -2.53 -11.01 -11.15
CA ASP A 139 -3.91 -11.50 -11.25
C ASP A 139 -4.08 -12.89 -10.63
N PHE A 140 -3.34 -13.22 -9.57
CA PHE A 140 -3.45 -14.54 -8.99
C PHE A 140 -4.09 -14.48 -7.61
N TYR A 141 -4.75 -15.58 -7.26
CA TYR A 141 -5.40 -15.74 -5.98
C TYR A 141 -5.40 -17.23 -5.65
N PRO A 142 -4.99 -17.63 -4.44
CA PRO A 142 -4.50 -16.85 -3.29
C PRO A 142 -3.12 -16.24 -3.51
N GLY A 143 -2.63 -15.49 -2.51
CA GLY A 143 -1.45 -14.67 -2.70
C GLY A 143 -0.13 -15.30 -2.34
N ALA A 144 0.17 -16.46 -2.92
CA ALA A 144 1.43 -17.14 -2.64
C ALA A 144 1.93 -17.80 -3.91
N VAL A 145 3.19 -17.52 -4.28
CA VAL A 145 3.83 -18.15 -5.43
C VAL A 145 5.26 -18.51 -5.08
N THR A 146 5.83 -19.41 -5.88
CA THR A 146 7.26 -19.71 -5.89
C THR A 146 7.80 -19.45 -7.28
N VAL A 147 8.98 -18.86 -7.36
CA VAL A 147 9.59 -18.55 -8.65
C VAL A 147 10.93 -19.27 -8.74
N ALA A 148 11.19 -19.81 -9.91
CA ALA A 148 12.48 -20.43 -10.23
C ALA A 148 12.93 -19.95 -11.60
N TRP A 149 14.21 -19.62 -11.69
CA TRP A 149 14.81 -19.15 -12.93
C TRP A 149 15.78 -20.18 -13.47
N LYS A 150 15.87 -20.24 -14.80
CA LYS A 150 16.91 -21.01 -15.46
C LYS A 150 17.63 -20.15 -16.50
N ALA A 151 18.91 -20.43 -16.68
CA ALA A 151 19.67 -19.97 -17.83
C ALA A 151 19.98 -21.20 -18.67
N ASP A 152 19.48 -21.22 -19.90
CA ASP A 152 19.65 -22.37 -20.80
C ASP A 152 19.40 -23.69 -20.07
N SER A 153 18.20 -23.82 -19.49
CA SER A 153 17.82 -25.05 -18.79
C SER A 153 18.62 -25.31 -17.50
N SER A 154 19.60 -24.48 -17.18
CA SER A 154 20.28 -24.73 -15.91
C SER A 154 19.76 -23.78 -14.84
N PRO A 155 19.46 -24.26 -13.64
CA PRO A 155 18.85 -23.39 -12.62
C PRO A 155 19.80 -22.28 -12.19
N VAL A 156 19.23 -21.12 -11.92
CA VAL A 156 19.96 -19.93 -11.47
C VAL A 156 19.38 -19.52 -10.13
N LYS A 157 20.22 -19.44 -9.11
CA LYS A 157 19.83 -18.99 -7.77
C LYS A 157 20.37 -17.62 -7.41
N ALA A 158 21.63 -17.35 -7.71
CA ALA A 158 22.22 -16.07 -7.34
C ALA A 158 21.71 -14.97 -8.26
N GLY A 159 21.44 -13.81 -7.65
CA GLY A 159 20.98 -12.66 -8.40
C GLY A 159 19.48 -12.55 -8.48
N VAL A 160 18.74 -13.44 -7.82
CA VAL A 160 17.29 -13.52 -7.94
C VAL A 160 16.66 -12.87 -6.73
N GLU A 161 15.69 -12.00 -6.96
CA GLU A 161 14.86 -11.44 -5.91
C GLU A 161 13.41 -11.53 -6.36
N THR A 162 12.54 -11.92 -5.44
CA THR A 162 11.11 -11.97 -5.72
C THR A 162 10.39 -11.22 -4.61
N THR A 163 9.49 -10.31 -4.99
CA THR A 163 8.75 -9.54 -4.01
C THR A 163 7.62 -10.35 -3.37
N THR A 164 7.26 -9.96 -2.16
CA THR A 164 6.14 -10.58 -1.46
C THR A 164 4.84 -10.15 -2.14
N PRO A 165 3.97 -11.09 -2.52
CA PRO A 165 2.75 -10.70 -3.24
C PRO A 165 1.95 -9.69 -2.44
N SER A 166 1.33 -8.74 -3.14
CA SER A 166 0.39 -7.84 -2.49
C SER A 166 -0.84 -7.66 -3.36
N LYS A 167 -1.95 -7.29 -2.71
CA LYS A 167 -3.25 -7.27 -3.35
C LYS A 167 -3.43 -6.04 -4.25
N GLN A 168 -3.93 -6.25 -5.47
CA GLN A 168 -4.17 -5.18 -6.41
C GLN A 168 -5.61 -4.66 -6.27
N SER A 169 -5.93 -3.62 -7.04
CA SER A 169 -7.26 -3.03 -6.99
C SER A 169 -8.36 -4.02 -7.42
N ASN A 170 -8.02 -5.10 -8.10
CA ASN A 170 -9.01 -6.11 -8.47
C ASN A 170 -9.10 -7.25 -7.47
N ASN A 171 -8.49 -7.10 -6.29
CA ASN A 171 -8.49 -8.08 -5.21
C ASN A 171 -7.80 -9.38 -5.57
N LYS A 172 -7.00 -9.36 -6.62
CA LYS A 172 -6.04 -10.42 -6.84
C LYS A 172 -4.65 -9.85 -6.54
N TYR A 173 -3.65 -10.73 -6.54
CA TYR A 173 -2.31 -10.36 -6.11
C TYR A 173 -1.38 -10.14 -7.29
N ALA A 174 -0.31 -9.37 -7.03
CA ALA A 174 0.77 -9.17 -7.99
C ALA A 174 2.11 -9.29 -7.27
N ALA A 175 3.11 -9.77 -8.00
CA ALA A 175 4.49 -9.75 -7.51
C ALA A 175 5.41 -9.66 -8.72
N SER A 176 6.68 -9.38 -8.46
CA SER A 176 7.68 -9.38 -9.50
C SER A 176 8.90 -10.13 -9.00
N SER A 177 9.49 -10.92 -9.88
CA SER A 177 10.82 -11.50 -9.65
C SER A 177 11.77 -10.90 -10.68
N TYR A 178 12.99 -10.58 -10.25
CA TYR A 178 13.93 -9.99 -11.18
C TYR A 178 15.29 -10.64 -11.00
N LEU A 179 16.07 -10.64 -12.09
CA LEU A 179 17.36 -11.31 -12.15
C LEU A 179 18.38 -10.34 -12.73
N SER A 180 19.36 -9.95 -11.92
CA SER A 180 20.42 -9.06 -12.37
C SER A 180 21.50 -9.89 -13.02
N LEU A 181 21.93 -9.48 -14.21
CA LEU A 181 23.05 -10.12 -14.88
C LEU A 181 23.82 -9.07 -15.66
N THR A 182 24.88 -9.50 -16.32
CA THR A 182 25.63 -8.61 -17.19
C THR A 182 25.13 -8.72 -18.62
N PRO A 183 25.32 -7.67 -19.42
CA PRO A 183 25.01 -7.76 -20.86
C PRO A 183 25.71 -8.93 -21.52
N GLU A 184 26.92 -9.25 -21.06
CA GLU A 184 27.66 -10.39 -21.60
C GLU A 184 26.99 -11.70 -21.25
N GLN A 185 26.58 -11.87 -19.99
CA GLN A 185 25.85 -13.07 -19.57
C GLN A 185 24.57 -13.24 -20.38
N TRP A 186 23.80 -12.16 -20.51
CA TRP A 186 22.56 -12.19 -21.27
C TRP A 186 22.78 -12.75 -22.67
N LYS A 187 23.77 -12.19 -23.38
CA LYS A 187 24.04 -12.57 -24.76
C LYS A 187 24.77 -13.92 -24.86
N SER A 188 25.39 -14.40 -23.79
CA SER A 188 26.12 -15.65 -23.86
C SER A 188 25.24 -16.89 -23.70
N HIS A 189 23.93 -16.71 -23.50
CA HIS A 189 23.00 -17.82 -23.33
C HIS A 189 21.96 -17.79 -24.45
N LYS A 190 21.41 -18.96 -24.80
CA LYS A 190 20.36 -18.99 -25.83
C LYS A 190 19.05 -18.40 -25.32
N SER A 191 18.72 -18.63 -24.05
CA SER A 191 17.48 -18.09 -23.49
C SER A 191 17.55 -18.15 -21.98
N TYR A 192 16.66 -17.39 -21.33
CA TYR A 192 16.44 -17.43 -19.91
C TYR A 192 14.96 -17.73 -19.70
N SER A 193 14.63 -18.31 -18.54
CA SER A 193 13.28 -18.74 -18.23
C SER A 193 12.91 -18.37 -16.81
N CYS A 194 11.64 -18.04 -16.63
CA CYS A 194 11.04 -17.77 -15.34
C CYS A 194 9.89 -18.74 -15.17
N GLN A 195 9.91 -19.53 -14.08
CA GLN A 195 8.86 -20.50 -13.82
C GLN A 195 8.16 -20.14 -12.52
N VAL A 196 6.84 -20.01 -12.58
CA VAL A 196 6.05 -19.62 -11.42
C VAL A 196 5.15 -20.79 -11.01
N THR A 197 5.18 -21.14 -9.72
CA THR A 197 4.36 -22.19 -9.11
C THR A 197 3.27 -21.55 -8.26
N HIS A 198 2.00 -21.89 -8.55
CA HIS A 198 0.85 -21.36 -7.83
C HIS A 198 -0.15 -22.49 -7.62
N GLU A 199 -0.50 -22.76 -6.37
CA GLU A 199 -1.49 -23.77 -6.02
C GLU A 199 -1.19 -25.08 -6.74
N GLY A 200 0.07 -25.49 -6.68
CA GLY A 200 0.50 -26.74 -7.28
C GLY A 200 0.50 -26.78 -8.80
N SER A 201 0.27 -25.65 -9.47
CA SER A 201 0.36 -25.55 -10.93
C SER A 201 1.51 -24.63 -11.31
N THR A 202 2.10 -24.85 -12.50
CA THR A 202 3.27 -24.08 -12.88
C THR A 202 3.07 -23.45 -14.25
N VAL A 203 3.54 -22.22 -14.38
CA VAL A 203 3.56 -21.46 -15.62
C VAL A 203 4.98 -21.00 -15.84
N GLU A 204 5.55 -21.33 -17.00
CA GLU A 204 6.92 -20.94 -17.33
C GLU A 204 6.93 -20.15 -18.63
N LYS A 205 7.67 -19.04 -18.63
CA LYS A 205 7.89 -18.25 -19.82
C LYS A 205 9.38 -18.20 -20.12
N THR A 206 9.70 -18.00 -21.40
CA THR A 206 11.07 -17.95 -21.88
C THR A 206 11.29 -16.70 -22.73
N VAL A 207 12.49 -16.16 -22.62
CA VAL A 207 12.90 -14.95 -23.33
C VAL A 207 14.30 -15.19 -23.87
N ALA A 208 14.59 -14.62 -25.03
CA ALA A 208 15.90 -14.78 -25.65
C ALA A 208 16.33 -13.48 -26.30
N PRO A 209 17.64 -13.23 -26.41
CA PRO A 209 18.09 -11.99 -27.07
C PRO A 209 17.60 -11.91 -28.52
N THR A 210 17.10 -10.74 -28.89
CA THR A 210 16.75 -10.44 -30.28
C THR A 210 18.01 -10.35 -31.14
N TYR B 1 -12.94 18.81 4.08
CA TYR B 1 -11.66 19.24 4.59
C TYR B 1 -10.59 18.17 4.32
N VAL B 2 -9.42 18.59 3.86
CA VAL B 2 -8.34 17.67 3.50
C VAL B 2 -7.18 17.88 4.46
N LEU B 3 -6.65 16.78 4.98
CA LEU B 3 -5.41 16.75 5.74
C LEU B 3 -4.32 16.09 4.91
N THR B 4 -3.19 16.75 4.75
CA THR B 4 -2.09 16.22 3.96
C THR B 4 -0.87 15.94 4.84
N GLN B 5 -0.46 14.68 4.88
CA GLN B 5 0.75 14.31 5.59
C GLN B 5 1.79 13.80 4.59
N PRO B 6 3.07 13.95 4.90
CA PRO B 6 4.11 13.29 4.09
C PRO B 6 4.01 11.78 4.24
N PRO B 7 4.10 11.03 3.13
CA PRO B 7 3.94 9.58 3.25
C PRO B 7 5.02 8.92 4.07
N SER B 8 6.20 9.54 4.21
CA SER B 8 7.25 8.89 4.97
C SER B 8 8.22 9.91 5.56
N VAL B 9 8.63 9.66 6.81
CA VAL B 9 9.60 10.45 7.54
C VAL B 9 10.57 9.46 8.17
N SER B 10 11.85 9.73 8.05
CA SER B 10 12.83 8.84 8.65
C SER B 10 13.81 9.64 9.48
N VAL B 11 14.32 9.00 10.53
CA VAL B 11 15.11 9.66 11.55
C VAL B 11 16.06 8.63 12.14
N ALA B 12 17.29 9.05 12.43
CA ALA B 12 18.25 8.17 13.08
C ALA B 12 17.89 8.03 14.56
N PRO B 13 18.27 6.92 15.20
CA PRO B 13 18.02 6.78 16.63
C PRO B 13 18.59 7.96 17.39
N GLY B 14 17.80 8.45 18.35
CA GLY B 14 18.19 9.54 19.20
C GLY B 14 18.04 10.92 18.60
N LYS B 15 17.58 11.03 17.35
CA LYS B 15 17.36 12.33 16.75
C LYS B 15 15.88 12.68 16.92
N THR B 16 15.43 13.76 16.30
CA THR B 16 14.05 14.23 16.40
C THR B 16 13.30 14.03 15.09
N ALA B 17 12.11 13.46 15.17
CA ALA B 17 11.23 13.29 14.01
C ALA B 17 10.09 14.30 14.07
N ARG B 18 9.84 14.97 12.95
CA ARG B 18 8.73 15.91 12.80
C ARG B 18 7.78 15.40 11.74
N ILE B 19 6.50 15.26 12.10
CA ILE B 19 5.48 14.75 11.19
C ILE B 19 4.44 15.85 11.02
N ALA B 20 4.41 16.45 9.85
CA ALA B 20 3.47 17.52 9.54
C ALA B 20 2.10 16.97 9.15
N CYS B 21 1.07 17.78 9.42
CA CYS B 21 -0.32 17.48 9.09
C CYS B 21 -0.93 18.80 8.61
N GLU B 22 -0.83 19.07 7.31
CA GLU B 22 -1.20 20.39 6.77
C GLU B 22 -2.70 20.46 6.43
N GLY B 23 -3.28 21.62 6.71
CA GLY B 23 -4.68 21.86 6.40
C GLY B 23 -4.97 23.34 6.40
N ASN B 24 -6.00 23.73 5.66
CA ASN B 24 -6.36 25.14 5.57
C ASN B 24 -6.89 25.63 6.91
N ASN B 25 -6.15 26.53 7.55
CA ASN B 25 -6.41 26.97 8.92
C ASN B 25 -6.75 25.78 9.83
N ILE B 26 -5.84 24.79 9.84
CA ILE B 26 -6.05 23.63 10.70
C ILE B 26 -5.92 24.04 12.17
N GLY B 27 -5.17 25.11 12.43
CA GLY B 27 -4.99 25.68 13.75
C GLY B 27 -6.26 25.95 14.53
N SER B 28 -7.43 25.88 13.87
CA SER B 28 -8.71 26.04 14.54
C SER B 28 -9.56 24.77 14.48
N LYS B 29 -8.95 23.63 14.18
CA LYS B 29 -9.49 22.33 14.56
C LYS B 29 -8.70 21.79 15.74
N SER B 30 -9.19 20.71 16.33
CA SER B 30 -8.50 20.07 17.46
C SER B 30 -7.95 18.74 16.95
N VAL B 31 -6.62 18.66 16.83
CA VAL B 31 -5.94 17.58 16.12
C VAL B 31 -5.56 16.47 17.10
N HIS B 32 -5.98 15.24 16.79
CA HIS B 32 -5.56 14.03 17.48
C HIS B 32 -4.54 13.28 16.64
N TRP B 33 -3.61 12.58 17.30
CA TRP B 33 -2.58 11.81 16.60
C TRP B 33 -2.62 10.35 17.04
N TYR B 34 -2.61 9.44 16.07
CA TYR B 34 -2.62 8.01 16.32
C TYR B 34 -1.31 7.39 15.86
N GLN B 35 -0.83 6.40 16.63
CA GLN B 35 0.30 5.57 16.28
C GLN B 35 -0.21 4.17 16.00
N GLN B 36 0.19 3.57 14.89
CA GLN B 36 -0.31 2.24 14.53
C GLN B 36 0.84 1.35 14.08
N LYS B 37 1.01 0.22 14.75
CA LYS B 37 2.02 -0.75 14.40
C LYS B 37 1.39 -1.93 13.67
N PRO B 38 2.18 -2.69 12.91
CA PRO B 38 1.60 -3.75 12.07
C PRO B 38 0.72 -4.69 12.87
N GLY B 39 -0.44 -5.01 12.30
CA GLY B 39 -1.39 -5.92 12.92
C GLY B 39 -2.02 -5.44 14.21
N GLN B 40 -1.92 -4.15 14.52
CA GLN B 40 -2.52 -3.59 15.74
C GLN B 40 -3.53 -2.51 15.41
N ALA B 41 -4.40 -2.24 16.38
CA ALA B 41 -5.32 -1.13 16.28
C ALA B 41 -4.58 0.19 16.48
N PRO B 42 -5.16 1.31 16.04
CA PRO B 42 -4.54 2.60 16.31
C PRO B 42 -4.44 2.87 17.81
N VAL B 43 -3.39 3.59 18.20
CA VAL B 43 -3.15 3.97 19.59
C VAL B 43 -3.05 5.48 19.64
N LEU B 44 -3.87 6.10 20.48
CA LEU B 44 -3.82 7.55 20.63
C LEU B 44 -2.57 7.98 21.37
N VAL B 45 -1.83 8.93 20.80
CA VAL B 45 -0.60 9.37 21.45
C VAL B 45 -0.72 10.85 21.82
N VAL B 46 -1.53 11.59 21.07
CA VAL B 46 -1.76 13.01 21.35
C VAL B 46 -3.21 13.34 21.01
N TYR B 47 -3.91 14.02 21.92
CA TYR B 47 -5.25 14.52 21.64
C TYR B 47 -5.33 15.99 22.01
N ASP B 48 -6.33 16.66 21.46
CA ASP B 48 -6.54 18.11 21.65
C ASP B 48 -5.23 18.89 21.41
N ASP B 49 -4.71 18.75 20.18
CA ASP B 49 -3.50 19.45 19.75
C ASP B 49 -2.24 18.97 20.45
N SER B 50 -2.28 18.87 21.80
CA SER B 50 -1.04 18.72 22.54
C SER B 50 -1.16 17.97 23.86
N ASP B 51 -2.30 17.34 24.16
CA ASP B 51 -2.50 16.63 25.43
C ASP B 51 -2.15 15.16 25.25
N ARG B 52 -1.48 14.60 26.23
CA ARG B 52 -1.06 13.22 26.10
C ARG B 52 -1.98 12.29 26.88
N PRO B 53 -2.36 11.14 26.34
CA PRO B 53 -3.05 10.14 27.16
C PRO B 53 -2.09 9.59 28.20
N SER B 54 -2.66 8.80 29.11
CA SER B 54 -1.90 8.31 30.26
C SER B 54 -0.88 7.26 29.79
N GLY B 55 0.39 7.50 30.10
CA GLY B 55 1.44 6.55 29.82
C GLY B 55 2.20 6.79 28.54
N ILE B 56 1.92 7.88 27.83
CA ILE B 56 2.69 8.22 26.63
C ILE B 56 3.90 9.04 27.07
N PRO B 57 5.11 8.66 26.66
CA PRO B 57 6.30 9.45 27.02
C PRO B 57 6.16 10.89 26.56
N ASP B 58 6.82 11.78 27.29
CA ASP B 58 6.87 13.21 26.95
C ASP B 58 7.77 13.50 25.78
N ARG B 59 8.48 12.50 25.25
CA ARG B 59 9.15 12.66 23.97
C ARG B 59 8.16 13.01 22.87
N PHE B 60 6.88 12.69 23.05
CA PHE B 60 5.83 12.95 22.08
C PHE B 60 5.17 14.30 22.39
N SER B 61 5.22 15.22 21.44
CA SER B 61 4.57 16.51 21.63
C SER B 61 3.88 16.96 20.36
N GLY B 62 2.69 17.53 20.50
CA GLY B 62 1.95 18.06 19.39
C GLY B 62 1.89 19.57 19.41
N SER B 63 1.81 20.17 18.22
CA SER B 63 1.55 21.60 18.03
C SER B 63 0.56 21.76 16.89
N ASN B 64 -0.08 22.93 16.82
CA ASN B 64 -1.16 23.13 15.85
C ASN B 64 -1.32 24.64 15.64
N SER B 65 -0.56 25.19 14.69
CA SER B 65 -0.49 26.64 14.47
C SER B 65 -0.75 26.98 13.00
N GLY B 66 -1.94 27.50 12.71
CA GLY B 66 -2.26 28.07 11.42
C GLY B 66 -2.59 27.05 10.33
N ASN B 67 -1.66 26.89 9.38
CA ASN B 67 -1.79 25.90 8.32
C ASN B 67 -1.10 24.57 8.61
N THR B 68 -0.38 24.46 9.73
CA THR B 68 0.43 23.28 10.04
C THR B 68 0.20 22.80 11.47
N ALA B 69 -0.27 21.57 11.61
CA ALA B 69 -0.11 20.82 12.85
C ALA B 69 1.09 19.88 12.70
N ALA B 70 1.74 19.56 13.83
CA ALA B 70 2.88 18.65 13.78
C ALA B 70 2.94 17.78 15.02
N LEU B 71 3.34 16.53 14.82
CA LEU B 71 3.74 15.63 15.90
C LEU B 71 5.27 15.56 15.93
N THR B 72 5.86 15.84 17.09
CA THR B 72 7.30 15.82 17.24
C THR B 72 7.65 14.70 18.21
N ILE B 73 8.56 13.82 17.80
CA ILE B 73 9.02 12.73 18.63
C ILE B 73 10.50 12.97 18.88
N SER B 74 10.85 13.31 20.10
CA SER B 74 12.22 13.61 20.46
C SER B 74 12.94 12.34 20.90
N ARG B 75 14.26 12.35 20.73
CA ARG B 75 15.14 11.27 21.19
C ARG B 75 14.57 9.91 20.77
N VAL B 76 14.46 9.74 19.44
CA VAL B 76 13.68 8.65 18.89
C VAL B 76 14.32 7.32 19.25
N GLU B 77 13.46 6.33 19.55
CA GLU B 77 13.83 4.95 19.80
C GLU B 77 13.31 4.07 18.68
N ALA B 78 13.85 2.85 18.60
CA ALA B 78 13.39 1.90 17.59
C ALA B 78 11.90 1.63 17.73
N GLY B 79 11.39 1.58 18.96
CA GLY B 79 9.98 1.30 19.16
C GLY B 79 9.03 2.39 18.67
N ASP B 80 9.55 3.56 18.29
CA ASP B 80 8.72 4.59 17.67
C ASP B 80 8.39 4.30 16.21
N GLU B 81 9.08 3.38 15.56
CA GLU B 81 8.78 3.06 14.17
C GLU B 81 7.34 2.56 14.03
N ALA B 82 6.53 3.29 13.25
CA ALA B 82 5.10 3.04 13.17
C ALA B 82 4.51 3.92 12.08
N ASP B 83 3.24 3.68 11.76
CA ASP B 83 2.45 4.63 10.98
C ASP B 83 1.80 5.62 11.95
N TYR B 84 1.76 6.89 11.55
CA TYR B 84 1.15 7.94 12.36
C TYR B 84 0.10 8.67 11.54
N PHE B 85 -1.08 8.84 12.13
CA PHE B 85 -2.20 9.48 11.46
C PHE B 85 -2.69 10.63 12.31
N CYS B 86 -2.89 11.78 11.68
CA CYS B 86 -3.60 12.86 12.35
C CYS B 86 -5.07 12.80 11.97
N GLN B 87 -5.90 13.41 12.81
CA GLN B 87 -7.35 13.33 12.66
C GLN B 87 -7.93 14.57 13.30
N VAL B 88 -8.86 15.22 12.60
CA VAL B 88 -9.53 16.41 13.12
C VAL B 88 -11.04 16.21 13.04
N TRP B 89 -11.75 17.02 13.82
CA TRP B 89 -13.20 17.15 13.70
C TRP B 89 -13.50 18.12 12.56
N ASP B 90 -14.35 17.69 11.63
CA ASP B 90 -14.77 18.55 10.51
C ASP B 90 -16.29 18.43 10.42
N SER B 91 -17.01 19.25 11.18
CA SER B 91 -18.47 19.28 11.07
C SER B 91 -18.95 20.16 9.89
N ASN B 92 -18.08 20.38 8.90
CA ASN B 92 -18.50 20.73 7.55
C ASN B 92 -18.79 19.50 6.71
N SER B 93 -18.41 18.32 7.19
CA SER B 93 -18.94 17.04 6.73
C SER B 93 -19.58 16.27 7.88
N ASN B 94 -19.33 16.67 9.13
CA ASN B 94 -20.00 16.21 10.34
C ASN B 94 -19.53 14.82 10.78
N HIS B 95 -18.23 14.57 10.64
CA HIS B 95 -17.58 13.37 11.14
C HIS B 95 -16.07 13.60 11.11
N GLN B 96 -15.33 12.66 11.69
CA GLN B 96 -13.87 12.77 11.73
C GLN B 96 -13.29 12.54 10.34
N VAL B 97 -12.15 13.19 10.07
CA VAL B 97 -11.38 12.96 8.85
C VAL B 97 -9.93 12.64 9.23
N PHE B 98 -9.34 11.70 8.50
CA PHE B 98 -7.96 11.27 8.74
C PHE B 98 -7.03 11.81 7.67
N GLY B 99 -5.80 12.15 8.07
CA GLY B 99 -4.74 12.31 7.10
C GLY B 99 -4.40 10.96 6.47
N GLY B 100 -3.59 11.00 5.41
CA GLY B 100 -3.26 9.75 4.72
C GLY B 100 -2.25 8.88 5.45
N GLY B 101 -1.66 9.38 6.52
CA GLY B 101 -0.71 8.60 7.29
C GLY B 101 0.73 8.90 6.90
N THR B 102 1.63 8.74 7.87
CA THR B 102 3.06 8.91 7.64
C THR B 102 3.75 7.66 8.17
N LYS B 103 4.51 6.98 7.32
CA LYS B 103 5.38 5.90 7.79
C LYS B 103 6.63 6.52 8.41
N VAL B 104 6.84 6.32 9.70
CA VAL B 104 8.07 6.76 10.35
C VAL B 104 9.03 5.57 10.44
N THR B 105 10.18 5.69 9.78
CA THR B 105 11.23 4.68 9.87
C THR B 105 12.32 5.18 10.80
N VAL B 106 12.72 4.36 11.76
CA VAL B 106 13.91 4.63 12.55
C VAL B 106 15.08 3.97 11.84
N LEU B 107 16.01 4.78 11.34
CA LEU B 107 17.03 4.29 10.41
C LEU B 107 17.93 3.24 11.07
N GLY B 108 17.99 2.06 10.46
CA GLY B 108 18.81 0.97 10.95
C GLY B 108 19.96 0.65 10.00
N GLN B 109 20.02 1.37 8.89
CA GLN B 109 21.04 1.22 7.86
C GLN B 109 21.06 2.52 7.06
N PRO B 110 22.04 2.70 6.16
CA PRO B 110 22.06 3.93 5.37
C PRO B 110 20.82 4.09 4.50
N LYS B 111 20.36 5.33 4.34
CA LYS B 111 19.33 5.60 3.34
C LYS B 111 19.84 5.26 1.95
N ALA B 112 18.96 4.70 1.11
CA ALA B 112 19.34 4.41 -0.26
C ALA B 112 18.19 4.77 -1.17
N ALA B 113 18.43 5.66 -2.14
CA ALA B 113 17.40 6.00 -3.10
C ALA B 113 17.20 4.83 -4.07
N PRO B 114 16.01 4.67 -4.62
CA PRO B 114 15.73 3.50 -5.46
C PRO B 114 16.40 3.56 -6.82
N SER B 115 16.78 2.37 -7.30
CA SER B 115 17.07 2.17 -8.71
C SER B 115 15.74 1.97 -9.40
N VAL B 116 15.55 2.63 -10.55
CA VAL B 116 14.30 2.56 -11.30
C VAL B 116 14.65 2.08 -12.70
N THR B 117 14.08 0.94 -13.10
CA THR B 117 14.25 0.41 -14.45
C THR B 117 12.90 0.26 -15.12
N LEU B 118 12.71 0.91 -16.26
CA LEU B 118 11.41 0.91 -16.93
C LEU B 118 11.48 0.04 -18.17
N PHE B 119 10.58 -0.94 -18.28
CA PHE B 119 10.57 -1.90 -19.37
C PHE B 119 9.38 -1.65 -20.29
N PRO B 120 9.60 -1.54 -21.60
CA PRO B 120 8.48 -1.43 -22.53
C PRO B 120 7.84 -2.79 -22.76
N PRO B 121 6.65 -2.83 -23.35
CA PRO B 121 6.09 -4.14 -23.73
C PRO B 121 6.96 -4.74 -24.81
N SER B 122 7.24 -6.03 -24.67
CA SER B 122 8.07 -6.70 -25.66
C SER B 122 7.31 -6.89 -26.98
N SER B 123 8.09 -7.03 -28.06
CA SER B 123 7.52 -7.36 -29.36
C SER B 123 6.62 -8.58 -29.27
N GLU B 124 7.07 -9.60 -28.52
CA GLU B 124 6.32 -10.84 -28.37
C GLU B 124 4.99 -10.61 -27.66
N GLU B 125 4.98 -9.84 -26.56
CA GLU B 125 3.71 -9.52 -25.93
C GLU B 125 2.80 -8.76 -26.89
N LEU B 126 3.35 -7.78 -27.63
CA LEU B 126 2.52 -6.97 -28.52
C LEU B 126 1.94 -7.80 -29.64
N GLN B 127 2.68 -8.79 -30.13
CA GLN B 127 2.12 -9.68 -31.14
C GLN B 127 0.93 -10.46 -30.57
N ALA B 128 1.06 -10.99 -29.33
CA ALA B 128 -0.09 -11.62 -28.65
C ALA B 128 -1.20 -10.64 -28.28
N ASN B 129 -1.17 -9.42 -28.79
CA ASN B 129 -2.25 -8.44 -28.64
C ASN B 129 -2.41 -7.97 -27.20
N LYS B 130 -1.29 -7.84 -26.48
CA LYS B 130 -1.29 -7.33 -25.11
C LYS B 130 -0.15 -6.33 -25.00
N ALA B 131 -0.21 -5.49 -23.97
CA ALA B 131 0.89 -4.56 -23.78
C ALA B 131 0.96 -4.17 -22.31
N THR B 132 2.11 -4.43 -21.68
CA THR B 132 2.32 -4.11 -20.27
C THR B 132 3.66 -3.40 -20.15
N LEU B 133 3.67 -2.28 -19.43
CA LEU B 133 4.91 -1.64 -19.01
C LEU B 133 5.18 -1.99 -17.56
N VAL B 134 6.44 -2.25 -17.20
CA VAL B 134 6.76 -2.51 -15.80
C VAL B 134 7.85 -1.54 -15.35
N CYS B 135 7.61 -0.87 -14.23
CA CYS B 135 8.58 0.01 -13.59
C CYS B 135 9.14 -0.71 -12.37
N LEU B 136 10.36 -1.24 -12.50
CA LEU B 136 10.99 -2.00 -11.42
C LEU B 136 11.72 -1.03 -10.49
N ILE B 137 11.46 -1.15 -9.20
CA ILE B 137 11.98 -0.20 -8.21
C ILE B 137 12.73 -1.02 -7.16
N SER B 138 14.04 -0.80 -7.02
CA SER B 138 14.79 -1.71 -6.18
C SER B 138 15.82 -0.98 -5.36
N ASP B 139 16.30 -1.69 -4.34
CA ASP B 139 17.48 -1.30 -3.56
C ASP B 139 17.25 -0.02 -2.76
N PHE B 140 16.06 0.16 -2.19
CA PHE B 140 15.79 1.40 -1.49
C PHE B 140 15.51 1.17 -0.01
N TYR B 141 15.78 2.22 0.77
CA TYR B 141 15.54 2.22 2.22
C TYR B 141 15.45 3.69 2.65
N PRO B 142 14.41 4.08 3.39
CA PRO B 142 13.28 3.31 3.94
C PRO B 142 12.38 2.71 2.87
N GLY B 143 11.56 1.73 3.26
CA GLY B 143 10.69 1.02 2.34
C GLY B 143 9.36 1.69 2.08
N ALA B 144 9.39 2.87 1.46
CA ALA B 144 8.18 3.57 1.10
C ALA B 144 8.48 4.41 -0.13
N VAL B 145 7.65 4.26 -1.17
CA VAL B 145 7.75 5.06 -2.39
C VAL B 145 6.35 5.38 -2.86
N THR B 146 6.25 6.45 -3.66
CA THR B 146 5.03 6.71 -4.40
C THR B 146 5.35 6.76 -5.90
N VAL B 147 4.47 6.20 -6.72
CA VAL B 147 4.73 6.08 -8.15
C VAL B 147 3.64 6.85 -8.91
N ALA B 148 4.06 7.58 -9.92
CA ALA B 148 3.17 8.30 -10.82
C ALA B 148 3.57 7.99 -12.25
N TRP B 149 2.57 7.76 -13.12
CA TRP B 149 2.80 7.45 -14.53
C TRP B 149 2.26 8.56 -15.43
N LYS B 150 2.89 8.72 -16.59
CA LYS B 150 2.41 9.67 -17.60
C LYS B 150 2.43 9.03 -18.98
N ALA B 151 1.49 9.47 -19.81
CA ALA B 151 1.44 9.11 -21.23
C ALA B 151 1.63 10.38 -22.02
N ASP B 152 2.71 10.43 -22.81
CA ASP B 152 3.26 11.69 -23.26
C ASP B 152 3.35 12.64 -22.06
N SER B 153 2.67 13.78 -22.09
CA SER B 153 2.73 14.71 -20.97
C SER B 153 1.60 14.54 -19.96
N SER B 154 0.72 13.55 -20.15
CA SER B 154 -0.58 13.48 -19.46
C SER B 154 -0.59 12.43 -18.37
N PRO B 155 -1.01 12.78 -17.15
CA PRO B 155 -1.03 11.80 -16.07
C PRO B 155 -1.93 10.62 -16.40
N VAL B 156 -1.48 9.42 -16.02
CA VAL B 156 -2.22 8.19 -16.23
C VAL B 156 -2.59 7.60 -14.87
N LYS B 157 -3.87 7.29 -14.70
CA LYS B 157 -4.36 6.50 -13.58
C LYS B 157 -4.85 5.13 -14.00
N ALA B 158 -5.58 5.07 -15.11
CA ALA B 158 -6.17 3.82 -15.55
C ALA B 158 -5.09 2.79 -15.86
N GLY B 159 -5.30 1.58 -15.36
CA GLY B 159 -4.44 0.47 -15.67
C GLY B 159 -3.22 0.31 -14.80
N VAL B 160 -3.08 1.13 -13.74
CA VAL B 160 -1.86 1.17 -12.93
C VAL B 160 -2.06 0.35 -11.67
N GLU B 161 -1.10 -0.52 -11.38
CA GLU B 161 -1.06 -1.26 -10.13
C GLU B 161 0.35 -1.16 -9.60
N THR B 162 0.50 -0.93 -8.29
CA THR B 162 1.81 -0.86 -7.67
C THR B 162 1.82 -1.76 -6.45
N THR B 163 2.89 -2.55 -6.31
CA THR B 163 3.00 -3.48 -5.20
C THR B 163 3.53 -2.77 -3.96
N THR B 164 3.21 -3.32 -2.81
CA THR B 164 3.72 -2.80 -1.54
C THR B 164 5.18 -3.22 -1.37
N PRO B 165 6.08 -2.30 -1.00
CA PRO B 165 7.50 -2.66 -0.94
C PRO B 165 7.76 -3.84 -0.01
N SER B 166 8.74 -4.66 -0.38
CA SER B 166 9.07 -5.80 0.47
C SER B 166 10.58 -5.94 0.57
N LYS B 167 11.04 -6.40 1.74
CA LYS B 167 12.46 -6.43 2.04
C LYS B 167 13.10 -7.61 1.32
N GLN B 168 14.15 -7.34 0.57
CA GLN B 168 14.78 -8.38 -0.21
C GLN B 168 15.98 -8.96 0.54
N SER B 169 16.68 -9.89 -0.11
CA SER B 169 17.73 -10.62 0.59
C SER B 169 18.90 -9.74 0.95
N ASN B 170 19.09 -8.60 0.28
CA ASN B 170 20.13 -7.65 0.63
C ASN B 170 19.70 -6.65 1.69
N ASN B 171 18.52 -6.86 2.28
CA ASN B 171 17.91 -6.06 3.34
C ASN B 171 17.47 -4.68 2.90
N LYS B 172 17.45 -4.39 1.60
CA LYS B 172 16.78 -3.20 1.08
C LYS B 172 15.46 -3.64 0.44
N TYR B 173 14.63 -2.64 0.11
CA TYR B 173 13.27 -2.88 -0.33
C TYR B 173 13.17 -2.86 -1.85
N ALA B 174 12.14 -3.55 -2.37
CA ALA B 174 11.85 -3.53 -3.81
C ALA B 174 10.35 -3.53 -4.02
N ALA B 175 9.93 -2.93 -5.12
CA ALA B 175 8.53 -2.97 -5.53
C ALA B 175 8.48 -2.87 -7.03
N SER B 176 7.30 -3.06 -7.60
CA SER B 176 7.15 -2.77 -9.02
C SER B 176 5.79 -2.15 -9.26
N SER B 177 5.70 -1.35 -10.32
CA SER B 177 4.43 -0.79 -10.69
C SER B 177 4.24 -1.17 -12.15
N TYR B 178 3.02 -1.50 -12.55
CA TYR B 178 2.84 -1.91 -13.93
C TYR B 178 1.61 -1.23 -14.51
N LEU B 179 1.66 -0.97 -15.81
CA LEU B 179 0.59 -0.28 -16.53
C LEU B 179 0.14 -1.20 -17.65
N SER B 180 -1.11 -1.64 -17.62
CA SER B 180 -1.63 -2.49 -18.68
C SER B 180 -2.31 -1.64 -19.73
N LEU B 181 -1.90 -1.81 -20.98
CA LEU B 181 -2.49 -1.10 -22.12
C LEU B 181 -2.79 -2.10 -23.23
N THR B 182 -3.51 -1.62 -24.24
CA THR B 182 -3.60 -2.35 -25.50
C THR B 182 -2.45 -1.94 -26.40
N PRO B 183 -2.09 -2.79 -27.37
CA PRO B 183 -1.03 -2.40 -28.31
C PRO B 183 -1.36 -1.10 -29.03
N GLU B 184 -2.65 -0.90 -29.35
CA GLU B 184 -3.07 0.31 -30.04
C GLU B 184 -2.80 1.54 -29.18
N GLN B 185 -3.10 1.46 -27.88
CA GLN B 185 -2.77 2.55 -26.96
C GLN B 185 -1.27 2.82 -26.93
N TRP B 186 -0.49 1.75 -26.79
CA TRP B 186 0.96 1.90 -26.67
C TRP B 186 1.54 2.62 -27.89
N LYS B 187 1.13 2.19 -29.09
CA LYS B 187 1.66 2.75 -30.33
C LYS B 187 1.15 4.15 -30.63
N SER B 188 0.11 4.61 -29.94
CA SER B 188 -0.47 5.91 -30.24
C SER B 188 0.15 7.06 -29.43
N HIS B 189 1.08 6.77 -28.53
CA HIS B 189 1.76 7.79 -27.75
C HIS B 189 3.24 7.76 -28.11
N LYS B 190 3.90 8.92 -27.98
CA LYS B 190 5.32 8.96 -28.31
C LYS B 190 6.18 8.53 -27.15
N SER B 191 5.68 8.62 -25.92
CA SER B 191 6.44 8.13 -24.77
C SER B 191 5.50 7.86 -23.60
N TYR B 192 5.99 7.04 -22.67
CA TYR B 192 5.39 6.81 -21.37
C TYR B 192 6.47 7.00 -20.31
N SER B 193 6.07 7.47 -19.12
CA SER B 193 7.01 7.76 -18.04
C SER B 193 6.54 7.14 -16.73
N CYS B 194 7.52 6.68 -15.94
CA CYS B 194 7.32 6.23 -14.57
C CYS B 194 8.14 7.13 -13.67
N GLN B 195 7.48 7.78 -12.70
CA GLN B 195 8.13 8.69 -11.77
C GLN B 195 8.03 8.13 -10.37
N VAL B 196 9.16 7.97 -9.70
CA VAL B 196 9.21 7.30 -8.39
C VAL B 196 9.70 8.29 -7.37
N THR B 197 8.91 8.54 -6.33
CA THR B 197 9.28 9.47 -5.28
C THR B 197 9.68 8.71 -4.03
N HIS B 198 10.83 9.06 -3.47
CA HIS B 198 11.38 8.41 -2.27
C HIS B 198 11.82 9.50 -1.31
N GLU B 199 11.03 9.74 -0.26
CA GLU B 199 11.25 10.90 0.61
C GLU B 199 11.41 12.18 -0.21
N GLY B 200 12.59 12.76 -0.20
CA GLY B 200 12.75 13.99 -0.97
C GLY B 200 13.11 13.80 -2.43
N SER B 201 13.49 12.58 -2.80
CA SER B 201 14.12 12.33 -4.09
C SER B 201 13.07 11.83 -5.07
N THR B 202 13.21 12.24 -6.32
CA THR B 202 12.35 11.76 -7.40
C THR B 202 13.21 11.36 -8.58
N VAL B 203 12.89 10.21 -9.18
CA VAL B 203 13.52 9.74 -10.40
C VAL B 203 12.40 9.43 -11.39
N GLU B 204 12.55 9.90 -12.63
CA GLU B 204 11.60 9.61 -13.69
C GLU B 204 12.34 8.99 -14.87
N LYS B 205 11.86 7.84 -15.32
CA LYS B 205 12.38 7.18 -16.50
C LYS B 205 11.29 7.21 -17.56
N THR B 206 11.71 7.29 -18.82
CA THR B 206 10.81 7.31 -19.96
C THR B 206 11.19 6.21 -20.95
N VAL B 207 10.19 5.70 -21.67
CA VAL B 207 10.40 4.75 -22.76
C VAL B 207 9.49 5.14 -23.93
N ALA B 208 9.90 4.71 -25.13
CA ALA B 208 9.19 5.10 -26.34
C ALA B 208 8.91 3.89 -27.22
N PRO B 209 7.76 3.86 -27.88
CA PRO B 209 7.51 2.83 -28.90
C PRO B 209 8.52 2.94 -30.02
N THR B 210 8.93 1.79 -30.53
CA THR B 210 9.78 1.70 -31.71
C THR B 210 9.18 0.67 -32.67
N GLU B 211 9.39 0.90 -33.96
CA GLU B 211 8.76 0.01 -34.94
C GLU B 211 9.45 -1.34 -35.07
N CYS B 212 10.56 -1.57 -34.34
CA CYS B 212 11.16 -2.86 -33.99
C CYS B 212 12.68 -2.77 -33.98
N SER B 213 13.34 -3.88 -34.30
CA SER B 213 14.80 -3.96 -34.24
C SER B 213 15.39 -4.47 -35.56
#